data_7C7B
#
_entry.id   7C7B
#
_cell.length_a   109.597
_cell.length_b   109.597
_cell.length_c   59.895
_cell.angle_alpha   90.0
_cell.angle_beta   90.0
_cell.angle_gamma   120.0
#
_symmetry.space_group_name_H-M   'H 3'
#
loop_
_entity.id
_entity.type
_entity.pdbx_description
1 polymer 'Heat shock protein 75 kDa, mitochondrial'
2 non-polymer 2-azanyl-9-[(6-bromanyl-1,3-benzodioxol-5-yl)methyl]-6-chloranyl-purin-8-ol
3 water water
#
_entity_poly.entity_id   1
_entity_poly.type   'polypeptide(L)'
_entity_poly.pdbx_seq_one_letter_code
;STQTAEDKEEPLHSIISSTESVQGSTSKHEFQAETKKLLDIVARSLYSEKEVFIRELISNASDALEKLRHKLVSDGQALP
EMEIHLQTNAEKGTITIQDTGIGMTQEELVSNLGTIARSGSKAFLDALQNQAEASSKIIGQFGVGFYSAFMVADRVEVYS
RSAAPGSLGYQWLSDGSGVFEIAEASGVRTGTKIIIHLKSDCKEFSSEARVRDVVTKYSNFVSFPLYLNGRRMNT
;
_entity_poly.pdbx_strand_id   A
#
# COMPACT_ATOMS: atom_id res chain seq x y z
N LEU A 12 -10.98 -14.93 -16.28
CA LEU A 12 -10.28 -14.24 -15.19
C LEU A 12 -9.39 -13.13 -15.74
N HIS A 13 -9.18 -12.10 -14.93
CA HIS A 13 -8.32 -11.00 -15.31
C HIS A 13 -7.36 -10.70 -14.17
N SER A 14 -6.17 -11.30 -14.23
CA SER A 14 -5.18 -11.13 -13.15
C SER A 14 -3.94 -10.40 -13.64
N ILE A 15 -3.35 -9.58 -12.78
CA ILE A 15 -2.06 -8.98 -13.11
C ILE A 15 -0.99 -9.34 -12.09
N ILE A 16 -1.37 -9.84 -10.91
CA ILE A 16 -0.38 -10.11 -9.88
C ILE A 16 0.33 -11.44 -10.13
N SER A 17 1.65 -11.40 -10.24
CA SER A 17 2.46 -12.62 -10.29
C SER A 17 3.87 -12.33 -9.83
N SER A 18 4.64 -13.38 -9.52
CA SER A 18 6.01 -13.21 -9.04
C SER A 18 6.99 -12.96 -10.17
N THR A 19 6.83 -11.82 -10.84
CA THR A 19 7.61 -11.51 -12.05
C THR A 19 8.88 -10.74 -11.75
N GLU A 20 8.91 -10.07 -10.61
CA GLU A 20 9.98 -9.14 -10.35
C GLU A 20 11.27 -9.85 -10.00
N SER A 21 12.38 -9.22 -10.36
CA SER A 21 13.68 -9.78 -10.11
C SER A 21 14.61 -8.71 -9.55
N VAL A 22 15.32 -9.03 -8.47
CA VAL A 22 16.28 -8.08 -7.94
C VAL A 22 17.45 -7.94 -8.91
N GLN A 23 17.71 -6.70 -9.33
CA GLN A 23 18.74 -6.45 -10.35
C GLN A 23 19.62 -5.27 -9.96
N GLY A 24 19.80 -5.08 -8.66
CA GLY A 24 20.72 -4.06 -8.15
C GLY A 24 21.00 -4.37 -6.70
N SER A 25 22.02 -3.75 -6.14
CA SER A 25 22.36 -4.05 -4.74
C SER A 25 21.54 -3.17 -3.80
N THR A 26 21.60 -3.50 -2.52
CA THR A 26 20.64 -2.98 -1.54
C THR A 26 21.13 -1.73 -0.83
N SER A 27 20.28 -0.71 -0.78
CA SER A 27 20.57 0.47 0.01
C SER A 27 19.75 0.44 1.27
N LYS A 28 20.41 0.71 2.40
CA LYS A 28 19.76 0.66 3.71
C LYS A 28 19.35 2.05 4.14
N HIS A 29 18.17 2.16 4.76
CA HIS A 29 17.65 3.43 5.22
C HIS A 29 17.07 3.27 6.61
N GLU A 30 17.50 4.10 7.56
CA GLU A 30 16.94 4.02 8.90
C GLU A 30 15.67 4.85 8.96
N PHE A 31 14.68 4.39 9.72
CA PHE A 31 13.48 5.18 10.01
C PHE A 31 13.82 6.54 10.62
N GLN A 32 12.99 7.53 10.30
CA GLN A 32 13.01 8.79 11.03
C GLN A 32 12.72 8.46 12.48
N ALA A 33 13.21 9.28 13.39
CA ALA A 33 13.14 8.98 14.81
C ALA A 33 11.70 8.70 15.27
N GLU A 34 10.75 9.45 14.73
CA GLU A 34 9.36 9.37 15.18
C GLU A 34 8.51 8.35 14.43
N THR A 35 9.02 7.84 13.32
CA THR A 35 8.22 6.97 12.45
C THR A 35 7.71 5.74 13.17
N LYS A 36 8.57 5.08 13.94
CA LYS A 36 8.17 3.90 14.67
C LYS A 36 7.05 4.23 15.67
N LYS A 37 7.14 5.38 16.33
CA LYS A 37 6.07 5.80 17.23
C LYS A 37 4.74 5.93 16.50
N LEU A 38 4.78 6.44 15.27
CA LEU A 38 3.55 6.65 14.52
C LEU A 38 3.02 5.32 13.98
N LEU A 39 3.93 4.42 13.57
CA LEU A 39 3.51 3.06 13.23
C LEU A 39 2.79 2.42 14.40
N ASP A 40 3.38 2.54 15.59
CA ASP A 40 2.77 1.96 16.78
C ASP A 40 1.39 2.54 17.10
N ILE A 41 1.24 3.85 16.96
CA ILE A 41 -0.04 4.46 17.32
C ILE A 41 -1.13 4.06 16.33
N VAL A 42 -0.78 3.90 15.05
CA VAL A 42 -1.76 3.44 14.06
C VAL A 42 -2.21 2.03 14.41
N ALA A 43 -1.25 1.17 14.78
CA ALA A 43 -1.60 -0.20 15.16
C ALA A 43 -2.51 -0.23 16.39
N ARG A 44 -2.19 0.55 17.42
CA ARG A 44 -3.05 0.58 18.61
C ARG A 44 -4.45 1.11 18.26
N SER A 45 -4.51 2.06 17.35
CA SER A 45 -5.79 2.68 17.00
C SER A 45 -6.70 1.77 16.22
N LEU A 46 -6.12 0.86 15.43
CA LEU A 46 -6.90 0.11 14.47
C LEU A 46 -7.01 -1.38 14.77
N TYR A 47 -6.35 -1.85 15.83
CA TYR A 47 -6.40 -3.28 16.15
C TYR A 47 -7.82 -3.86 16.21
N SER A 48 -8.71 -3.15 16.87
CA SER A 48 -10.08 -3.64 17.08
C SER A 48 -10.83 -3.88 15.78
N GLU A 49 -10.39 -3.23 14.70
CA GLU A 49 -10.95 -3.42 13.35
C GLU A 49 -9.82 -3.63 12.36
N LYS A 50 -8.91 -4.54 12.69
CA LYS A 50 -7.66 -4.64 11.95
C LYS A 50 -7.87 -4.93 10.47
N GLU A 51 -8.99 -5.55 10.13
CA GLU A 51 -9.30 -5.81 8.71
C GLU A 51 -9.36 -4.53 7.87
N VAL A 52 -9.47 -3.39 8.53
CA VAL A 52 -9.58 -2.14 7.80
C VAL A 52 -8.27 -1.80 7.03
N PHE A 53 -7.17 -2.51 7.29
CA PHE A 53 -5.97 -2.23 6.51
C PHE A 53 -6.24 -2.43 5.02
N ILE A 54 -7.17 -3.32 4.68
CA ILE A 54 -7.40 -3.60 3.26
C ILE A 54 -8.03 -2.36 2.64
N ARG A 55 -9.01 -1.78 3.33
CA ARG A 55 -9.63 -0.55 2.86
C ARG A 55 -8.66 0.62 2.80
N GLU A 56 -7.75 0.70 3.78
CA GLU A 56 -6.71 1.72 3.76
C GLU A 56 -5.84 1.64 2.51
N LEU A 57 -5.41 0.43 2.17
CA LEU A 57 -4.54 0.23 1.01
C LEU A 57 -5.32 0.39 -0.30
N ILE A 58 -6.59 0.00 -0.34
CA ILE A 58 -7.39 0.27 -1.53
C ILE A 58 -7.58 1.78 -1.72
N SER A 59 -7.78 2.52 -0.63
CA SER A 59 -7.90 3.97 -0.73
C SER A 59 -6.60 4.58 -1.25
N ASN A 60 -5.45 4.10 -0.76
CA ASN A 60 -4.18 4.57 -1.30
C ASN A 60 -4.04 4.28 -2.78
N ALA A 61 -4.48 3.10 -3.19
CA ALA A 61 -4.44 2.71 -4.61
C ALA A 61 -5.32 3.61 -5.46
N SER A 62 -6.53 3.88 -4.97
CA SER A 62 -7.42 4.82 -5.65
C SER A 62 -6.78 6.20 -5.79
N ASP A 63 -6.12 6.67 -4.73
CA ASP A 63 -5.44 7.95 -4.79
C ASP A 63 -4.34 7.92 -5.86
N ALA A 64 -3.58 6.83 -5.92
CA ALA A 64 -2.53 6.70 -6.92
C ALA A 64 -3.09 6.71 -8.35
N LEU A 65 -4.24 6.09 -8.55
CA LEU A 65 -4.92 6.09 -9.86
C LEU A 65 -5.44 7.49 -10.22
N GLU A 66 -5.95 8.22 -9.24
CA GLU A 66 -6.35 9.61 -9.50
C GLU A 66 -5.15 10.49 -9.88
N LYS A 67 -4.01 10.30 -9.21
CA LYS A 67 -2.83 11.05 -9.59
C LYS A 67 -2.38 10.74 -11.01
N LEU A 68 -2.44 9.46 -11.40
CA LEU A 68 -2.12 9.06 -12.78
C LEU A 68 -3.14 9.71 -13.74
N ARG A 69 -4.41 9.71 -13.38
CA ARG A 69 -5.41 10.37 -14.22
C ARG A 69 -5.00 11.81 -14.53
N HIS A 70 -4.62 12.56 -13.51
CA HIS A 70 -4.31 13.95 -13.77
C HIS A 70 -3.03 14.13 -14.56
N LYS A 71 -2.06 13.25 -14.36
CA LYS A 71 -0.86 13.26 -15.19
C LYS A 71 -1.27 13.10 -16.66
N LEU A 72 -2.12 12.12 -16.92
CA LEU A 72 -2.46 11.78 -18.29
C LEU A 72 -3.36 12.82 -18.93
N VAL A 73 -4.22 13.46 -18.12
CA VAL A 73 -5.02 14.56 -18.65
C VAL A 73 -4.14 15.70 -19.12
N SER A 74 -3.15 16.08 -18.33
CA SER A 74 -2.28 17.15 -18.76
C SER A 74 -1.35 16.73 -19.90
N ASP A 75 -1.02 15.43 -19.98
CA ASP A 75 -0.19 14.89 -21.06
C ASP A 75 -0.98 14.76 -22.38
N GLY A 76 -2.30 14.87 -22.32
CA GLY A 76 -3.13 14.67 -23.49
C GLY A 76 -3.19 13.23 -23.94
N GLN A 77 -3.19 12.30 -22.98
CA GLN A 77 -3.16 10.87 -23.31
C GLN A 77 -4.35 10.08 -22.81
N ALA A 78 -4.57 8.92 -23.42
CA ALA A 78 -5.66 8.02 -23.03
C ALA A 78 -5.44 7.45 -21.64
N LEU A 79 -6.53 7.05 -20.99
CA LEU A 79 -6.43 6.32 -19.73
C LEU A 79 -6.18 4.83 -19.98
N PRO A 80 -5.08 4.28 -19.44
CA PRO A 80 -4.75 2.88 -19.65
C PRO A 80 -5.57 1.97 -18.75
N GLU A 81 -5.16 0.70 -18.62
CA GLU A 81 -5.80 -0.17 -17.65
C GLU A 81 -5.53 0.36 -16.23
N MET A 82 -6.55 0.92 -15.63
CA MET A 82 -6.46 1.53 -14.32
C MET A 82 -7.26 0.67 -13.37
N GLU A 83 -6.55 -0.14 -12.59
CA GLU A 83 -7.16 -1.23 -11.86
C GLU A 83 -6.54 -1.41 -10.49
N ILE A 84 -7.29 -2.05 -9.61
CA ILE A 84 -6.82 -2.43 -8.26
C ILE A 84 -7.05 -3.91 -8.10
N HIS A 85 -5.98 -4.64 -7.79
CA HIS A 85 -6.03 -6.11 -7.69
C HIS A 85 -5.62 -6.57 -6.31
N LEU A 86 -6.39 -7.52 -5.77
CA LEU A 86 -6.02 -8.24 -4.56
C LEU A 86 -5.72 -9.70 -4.88
N GLN A 87 -4.74 -10.27 -4.19
CA GLN A 87 -4.41 -11.68 -4.32
C GLN A 87 -4.20 -12.28 -2.95
N THR A 88 -4.77 -13.45 -2.72
CA THR A 88 -4.50 -14.18 -1.49
C THR A 88 -3.65 -15.40 -1.79
N ASN A 89 -2.75 -15.75 -0.87
CA ASN A 89 -2.03 -16.99 -0.97
C ASN A 89 -2.00 -17.68 0.38
N ALA A 90 -2.84 -18.70 0.54
CA ALA A 90 -2.98 -19.38 1.82
C ALA A 90 -1.73 -20.19 2.16
N GLU A 91 -1.08 -20.73 1.14
CA GLU A 91 0.13 -21.52 1.34
C GLU A 91 1.29 -20.64 1.84
N LYS A 92 1.44 -19.46 1.26
CA LYS A 92 2.54 -18.58 1.62
C LYS A 92 2.19 -17.65 2.78
N GLY A 93 0.92 -17.61 3.15
CA GLY A 93 0.47 -16.75 4.22
C GLY A 93 0.53 -15.27 3.88
N THR A 94 0.16 -14.92 2.65
CA THR A 94 0.24 -13.54 2.19
C THR A 94 -1.07 -12.99 1.66
N ILE A 95 -1.20 -11.68 1.76
CA ILE A 95 -2.18 -10.93 0.99
C ILE A 95 -1.42 -9.87 0.21
N THR A 96 -1.82 -9.65 -1.03
CA THR A 96 -1.14 -8.72 -1.91
C THR A 96 -2.13 -7.76 -2.55
N ILE A 97 -1.76 -6.49 -2.65
CA ILE A 97 -2.55 -5.51 -3.39
C ILE A 97 -1.65 -4.87 -4.46
N GLN A 98 -2.16 -4.74 -5.68
CA GLN A 98 -1.36 -4.10 -6.75
C GLN A 98 -2.27 -3.14 -7.47
N ASP A 99 -1.82 -1.90 -7.63
CA ASP A 99 -2.55 -0.94 -8.45
C ASP A 99 -1.70 -0.55 -9.66
N THR A 100 -2.39 -0.07 -10.71
CA THR A 100 -1.69 0.38 -11.92
C THR A 100 -1.71 1.90 -11.99
N GLY A 101 -1.56 2.53 -10.83
CA GLY A 101 -1.56 3.98 -10.71
C GLY A 101 -0.19 4.61 -10.88
N ILE A 102 -0.02 5.77 -10.27
CA ILE A 102 1.13 6.62 -10.60
C ILE A 102 2.48 6.05 -10.12
N GLY A 103 2.45 5.17 -9.14
CA GLY A 103 3.67 4.57 -8.62
C GLY A 103 4.51 5.54 -7.81
N MET A 104 5.66 5.05 -7.34
CA MET A 104 6.53 5.86 -6.46
C MET A 104 7.92 5.94 -7.06
N THR A 105 8.45 7.17 -7.09
CA THR A 105 9.83 7.41 -7.51
C THR A 105 10.79 6.89 -6.45
N GLN A 106 12.07 6.86 -6.80
CA GLN A 106 13.08 6.49 -5.80
C GLN A 106 12.99 7.41 -4.57
N GLU A 107 12.86 8.70 -4.84
CA GLU A 107 12.81 9.71 -3.77
C GLU A 107 11.59 9.49 -2.90
N GLU A 108 10.46 9.18 -3.52
CA GLU A 108 9.28 8.91 -2.72
C GLU A 108 9.42 7.64 -1.88
N LEU A 109 10.08 6.62 -2.43
CA LEU A 109 10.28 5.40 -1.68
C LEU A 109 11.21 5.65 -0.50
N VAL A 110 12.12 6.60 -0.65
CA VAL A 110 13.02 6.94 0.46
C VAL A 110 12.32 7.84 1.48
N SER A 111 11.47 8.75 1.02
CA SER A 111 11.02 9.81 1.92
C SER A 111 9.58 9.72 2.38
N ASN A 112 8.73 9.03 1.65
CA ASN A 112 7.31 9.16 1.97
C ASN A 112 6.94 8.58 3.34
N LEU A 113 7.61 7.51 3.77
CA LEU A 113 7.30 6.87 5.04
C LEU A 113 7.43 7.87 6.17
N GLY A 114 8.42 8.75 6.05
CA GLY A 114 8.71 9.67 7.13
C GLY A 114 8.19 11.10 6.97
N THR A 115 7.29 11.29 6.01
CA THR A 115 6.72 12.62 5.74
C THR A 115 6.18 13.32 6.98
N ILE A 116 5.32 12.62 7.73
CA ILE A 116 4.70 13.20 8.93
C ILE A 116 5.74 13.52 10.00
N ALA A 117 6.62 12.55 10.26
CA ALA A 117 7.72 12.76 11.21
C ALA A 117 8.52 14.02 10.87
N ARG A 118 8.80 14.21 9.59
CA ARG A 118 9.62 15.35 9.15
C ARG A 118 8.86 16.68 9.16
N SER A 119 7.60 16.66 8.74
CA SER A 119 6.85 17.90 8.60
C SER A 119 6.19 18.32 9.91
N GLY A 120 6.03 17.36 10.82
CA GLY A 120 5.41 17.63 12.11
C GLY A 120 4.13 16.84 12.33
N SER A 121 4.11 16.05 13.39
CA SER A 121 3.02 15.11 13.65
C SER A 121 1.84 15.68 14.43
N LYS A 122 1.99 16.92 14.91
CA LYS A 122 0.99 17.53 15.80
C LYS A 122 -0.43 17.51 15.22
N ALA A 123 -0.58 17.97 13.98
CA ALA A 123 -1.90 18.01 13.36
C ALA A 123 -2.54 16.62 13.31
N PHE A 124 -1.77 15.61 12.92
CA PHE A 124 -2.27 14.25 12.86
C PHE A 124 -2.65 13.71 14.24
N LEU A 125 -1.76 13.88 15.21
CA LEU A 125 -2.01 13.35 16.53
C LEU A 125 -3.19 14.06 17.20
N ASP A 126 -3.32 15.37 16.95
CA ASP A 126 -4.47 16.13 17.46
C ASP A 126 -5.78 15.63 16.86
N ALA A 127 -5.78 15.41 15.55
CA ALA A 127 -6.95 14.90 14.85
C ALA A 127 -7.34 13.53 15.40
N LEU A 128 -6.34 12.67 15.57
CA LEU A 128 -6.58 11.34 16.09
C LEU A 128 -7.17 11.41 17.50
N GLN A 129 -6.65 12.34 18.30
CA GLN A 129 -7.14 12.48 19.68
C GLN A 129 -8.59 12.95 19.72
N ASN A 130 -8.91 13.92 18.88
CA ASN A 130 -10.25 14.52 18.92
C ASN A 130 -11.34 13.55 18.48
N GLN A 131 -11.00 12.59 17.63
CA GLN A 131 -11.94 11.53 17.28
C GLN A 131 -13.24 12.09 16.70
N ALA A 132 -13.12 13.12 15.88
CA ALA A 132 -14.30 13.74 15.25
C ALA A 132 -14.78 12.88 14.10
N GLU A 133 -13.90 12.02 13.63
CA GLU A 133 -14.24 11.03 12.60
C GLU A 133 -13.61 9.71 13.00
N ALA A 134 -13.89 8.66 12.24
CA ALA A 134 -13.30 7.36 12.53
C ALA A 134 -11.77 7.44 12.44
N SER A 135 -11.09 6.77 13.37
CA SER A 135 -9.63 6.72 13.32
C SER A 135 -9.14 6.27 11.95
N SER A 136 -9.83 5.31 11.36
CA SER A 136 -9.43 4.78 10.06
C SER A 136 -9.48 5.86 8.99
N LYS A 137 -10.48 6.74 9.08
CA LYS A 137 -10.59 7.83 8.11
C LYS A 137 -9.49 8.86 8.30
N ILE A 138 -9.25 9.26 9.54
CA ILE A 138 -8.19 10.21 9.88
C ILE A 138 -6.83 9.72 9.40
N ILE A 139 -6.55 8.46 9.67
CA ILE A 139 -5.28 7.86 9.27
C ILE A 139 -5.12 7.88 7.74
N GLY A 140 -6.18 7.55 7.03
CA GLY A 140 -6.16 7.64 5.58
C GLY A 140 -5.94 9.06 5.09
N GLN A 141 -6.67 10.01 5.67
CA GLN A 141 -6.61 11.42 5.23
C GLN A 141 -5.24 12.06 5.42
N PHE A 142 -4.54 11.68 6.48
CA PHE A 142 -3.21 12.26 6.73
C PHE A 142 -2.11 11.53 5.96
N GLY A 143 -2.51 10.57 5.14
CA GLY A 143 -1.59 9.93 4.22
C GLY A 143 -0.79 8.82 4.86
N VAL A 144 -1.26 8.29 5.98
CA VAL A 144 -0.50 7.22 6.62
C VAL A 144 -1.26 5.89 6.65
N GLY A 145 -2.17 5.72 5.70
CA GLY A 145 -2.85 4.44 5.52
C GLY A 145 -1.86 3.29 5.33
N PHE A 146 -0.73 3.54 4.66
CA PHE A 146 0.28 2.50 4.49
C PHE A 146 0.80 1.98 5.79
N TYR A 147 0.75 2.80 6.85
CA TYR A 147 1.18 2.34 8.17
C TYR A 147 0.39 1.13 8.64
N SER A 148 -0.86 1.01 8.20
CA SER A 148 -1.69 -0.12 8.57
C SER A 148 -1.25 -1.45 7.95
N ALA A 149 -0.43 -1.39 6.89
CA ALA A 149 0.17 -2.61 6.35
C ALA A 149 1.01 -3.30 7.41
N PHE A 150 1.78 -2.50 8.15
CA PHE A 150 2.72 -3.05 9.11
C PHE A 150 2.03 -3.68 10.30
N MET A 151 0.84 -3.19 10.62
CA MET A 151 0.22 -3.65 11.84
C MET A 151 -0.26 -5.09 11.67
N VAL A 152 -0.40 -5.57 10.43
CA VAL A 152 -0.81 -6.97 10.19
C VAL A 152 0.34 -7.82 9.62
N ALA A 153 1.54 -7.25 9.54
CA ALA A 153 2.63 -7.90 8.81
C ALA A 153 3.82 -8.26 9.68
N ASP A 154 4.36 -9.45 9.46
CA ASP A 154 5.71 -9.79 9.91
C ASP A 154 6.72 -9.02 9.06
N ARG A 155 6.46 -8.94 7.75
CA ARG A 155 7.28 -8.09 6.90
C ARG A 155 6.49 -7.66 5.68
N VAL A 156 6.91 -6.56 5.09
CA VAL A 156 6.23 -5.97 3.94
C VAL A 156 7.20 -5.91 2.79
N GLU A 157 6.71 -6.30 1.62
CA GLU A 157 7.51 -6.41 0.42
C GLU A 157 6.82 -5.56 -0.65
N VAL A 158 7.44 -4.47 -1.07
CA VAL A 158 6.85 -3.54 -2.04
C VAL A 158 7.63 -3.48 -3.35
N TYR A 159 6.91 -3.47 -4.48
CA TYR A 159 7.52 -3.22 -5.80
C TYR A 159 6.81 -2.01 -6.37
N SER A 160 7.54 -0.99 -6.78
CA SER A 160 6.92 0.22 -7.34
C SER A 160 7.76 0.80 -8.45
N ARG A 161 7.08 1.39 -9.41
CA ARG A 161 7.73 2.10 -10.50
C ARG A 161 6.85 3.27 -10.87
N SER A 162 7.42 4.46 -10.80
CA SER A 162 6.69 5.69 -11.13
C SER A 162 6.40 5.82 -12.62
N ALA A 163 5.28 6.45 -12.94
CA ALA A 163 4.97 6.77 -14.31
C ALA A 163 5.82 7.91 -14.88
N ALA A 164 6.56 8.60 -14.02
CA ALA A 164 7.43 9.68 -14.47
C ALA A 164 8.49 9.15 -15.42
N PRO A 165 8.84 9.92 -16.46
CA PRO A 165 9.84 9.45 -17.41
C PRO A 165 11.17 9.13 -16.73
N GLY A 166 11.77 8.01 -17.13
CA GLY A 166 13.07 7.61 -16.63
C GLY A 166 13.05 6.88 -15.30
N SER A 167 11.87 6.73 -14.71
CA SER A 167 11.76 6.07 -13.41
C SER A 167 12.15 4.60 -13.47
N LEU A 168 12.97 4.15 -12.52
CA LEU A 168 13.36 2.74 -12.46
C LEU A 168 12.36 1.98 -11.59
N GLY A 169 12.36 0.66 -11.71
CA GLY A 169 11.56 -0.16 -10.81
C GLY A 169 12.35 -0.54 -9.59
N TYR A 170 11.67 -0.63 -8.43
CA TYR A 170 12.36 -0.90 -7.18
C TYR A 170 11.64 -1.92 -6.35
N GLN A 171 12.44 -2.68 -5.61
CA GLN A 171 12.01 -3.47 -4.47
C GLN A 171 12.28 -2.70 -3.20
N TRP A 172 11.28 -2.66 -2.31
CA TRP A 172 11.36 -1.96 -1.02
C TRP A 172 10.94 -2.96 0.05
N LEU A 173 11.84 -3.28 1.00
CA LEU A 173 11.53 -4.27 2.03
C LEU A 173 11.64 -3.70 3.43
N SER A 174 10.74 -4.11 4.32
CA SER A 174 10.91 -3.80 5.74
C SER A 174 10.14 -4.74 6.64
N ASP A 175 10.68 -5.04 7.82
CA ASP A 175 9.88 -5.76 8.82
C ASP A 175 9.22 -4.79 9.81
N GLY A 176 9.36 -3.49 9.53
CA GLY A 176 8.69 -2.47 10.30
C GLY A 176 9.40 -2.07 11.58
N SER A 177 10.58 -2.63 11.82
CA SER A 177 11.24 -2.43 13.11
C SER A 177 12.04 -1.13 13.20
N GLY A 178 12.77 -0.77 12.14
CA GLY A 178 13.54 0.46 12.16
C GLY A 178 14.41 0.71 10.94
N VAL A 179 14.39 -0.22 10.00
CA VAL A 179 15.16 -0.10 8.76
C VAL A 179 14.29 -0.50 7.58
N PHE A 180 14.52 0.10 6.41
CA PHE A 180 13.96 -0.47 5.19
C PHE A 180 15.05 -0.49 4.14
N GLU A 181 14.87 -1.35 3.15
CA GLU A 181 15.91 -1.63 2.16
C GLU A 181 15.37 -1.46 0.75
N ILE A 182 16.12 -0.78 -0.11
CA ILE A 182 15.71 -0.57 -1.50
C ILE A 182 16.72 -1.15 -2.48
N ALA A 183 16.23 -1.88 -3.48
CA ALA A 183 17.08 -2.41 -4.55
C ALA A 183 16.37 -2.25 -5.89
N GLU A 184 17.11 -1.92 -6.93
CA GLU A 184 16.49 -1.90 -8.26
C GLU A 184 15.96 -3.29 -8.61
N ALA A 185 14.81 -3.33 -9.27
CA ALA A 185 14.24 -4.60 -9.72
C ALA A 185 13.81 -4.50 -11.18
N SER A 186 13.92 -5.62 -11.91
CA SER A 186 13.35 -5.72 -13.24
C SER A 186 11.92 -6.25 -13.14
N GLY A 187 11.13 -5.98 -14.16
CA GLY A 187 9.80 -6.57 -14.27
C GLY A 187 8.76 -5.90 -13.41
N VAL A 188 9.05 -4.69 -12.94
CA VAL A 188 8.03 -3.97 -12.16
C VAL A 188 7.09 -3.19 -13.07
N ARG A 189 5.81 -3.48 -12.95
CA ARG A 189 4.78 -2.74 -13.69
C ARG A 189 4.58 -1.35 -13.10
N THR A 190 4.34 -0.36 -13.95
CA THR A 190 4.06 0.99 -13.46
C THR A 190 2.94 0.92 -12.43
N GLY A 191 3.10 1.59 -11.30
CA GLY A 191 2.18 1.40 -10.18
C GLY A 191 2.90 0.79 -9.01
N THR A 192 2.14 0.18 -8.10
CA THR A 192 2.65 -0.30 -6.83
C THR A 192 2.02 -1.62 -6.41
N LYS A 193 2.88 -2.56 -6.05
CA LYS A 193 2.47 -3.85 -5.51
C LYS A 193 3.00 -3.98 -4.09
N ILE A 194 2.09 -4.30 -3.17
CA ILE A 194 2.44 -4.50 -1.75
C ILE A 194 2.10 -5.92 -1.36
N ILE A 195 3.12 -6.69 -0.99
CA ILE A 195 2.95 -8.05 -0.50
C ILE A 195 3.09 -8.04 1.02
N ILE A 196 2.04 -8.45 1.71
CA ILE A 196 2.08 -8.52 3.16
C ILE A 196 2.28 -9.98 3.57
N HIS A 197 3.37 -10.23 4.28
CA HIS A 197 3.60 -11.51 4.93
C HIS A 197 2.97 -11.42 6.30
N LEU A 198 1.83 -12.11 6.47
CA LEU A 198 0.92 -11.85 7.58
C LEU A 198 1.45 -12.33 8.92
N LYS A 199 1.16 -11.55 9.96
CA LYS A 199 1.48 -11.91 11.33
C LYS A 199 0.71 -13.15 11.76
N SER A 200 1.19 -13.80 12.83
CA SER A 200 0.65 -15.08 13.23
C SER A 200 -0.83 -15.01 13.61
N ASP A 201 -1.27 -13.85 14.12
CA ASP A 201 -2.68 -13.68 14.48
C ASP A 201 -3.52 -13.11 13.33
N CYS A 202 -2.91 -12.92 12.16
CA CYS A 202 -3.58 -12.27 11.03
C CYS A 202 -3.68 -13.16 9.79
N LYS A 203 -3.55 -14.46 9.97
CA LYS A 203 -3.54 -15.36 8.81
C LYS A 203 -4.88 -15.41 8.08
N GLU A 204 -5.95 -14.95 8.72
CA GLU A 204 -7.27 -15.00 8.12
C GLU A 204 -7.30 -14.22 6.82
N PHE A 205 -6.37 -13.28 6.66
CA PHE A 205 -6.40 -12.44 5.48
C PHE A 205 -5.71 -13.06 4.29
N SER A 206 -5.25 -14.30 4.47
CA SER A 206 -4.76 -15.09 3.33
C SER A 206 -5.85 -16.02 2.82
N SER A 207 -7.05 -15.92 3.41
CA SER A 207 -8.22 -16.67 2.96
C SER A 207 -9.04 -15.84 1.97
N GLU A 208 -9.29 -16.41 0.79
CA GLU A 208 -10.04 -15.68 -0.23
C GLU A 208 -11.44 -15.35 0.26
N ALA A 209 -12.07 -16.29 0.96
CA ALA A 209 -13.44 -16.10 1.41
C ALA A 209 -13.52 -14.96 2.42
N ARG A 210 -12.55 -14.92 3.34
CA ARG A 210 -12.52 -13.88 4.36
C ARG A 210 -12.33 -12.51 3.71
N VAL A 211 -11.37 -12.42 2.80
CA VAL A 211 -11.11 -11.14 2.14
C VAL A 211 -12.31 -10.68 1.31
N ARG A 212 -12.96 -11.62 0.62
CA ARG A 212 -14.18 -11.28 -0.11
C ARG A 212 -15.26 -10.73 0.81
N ASP A 213 -15.47 -11.39 1.94
CA ASP A 213 -16.44 -10.93 2.94
C ASP A 213 -16.14 -9.51 3.39
N VAL A 214 -14.87 -9.22 3.65
CA VAL A 214 -14.48 -7.90 4.12
C VAL A 214 -14.68 -6.82 3.04
N VAL A 215 -14.18 -7.08 1.83
CA VAL A 215 -14.13 -6.05 0.80
C VAL A 215 -15.48 -5.78 0.13
N THR A 216 -16.34 -6.79 0.08
CA THR A 216 -17.61 -6.60 -0.62
C THR A 216 -18.49 -5.56 0.08
N LYS A 217 -18.19 -5.26 1.35
CA LYS A 217 -18.97 -4.28 2.10
C LYS A 217 -18.78 -2.84 1.60
N TYR A 218 -17.75 -2.61 0.79
CA TYR A 218 -17.50 -1.27 0.26
C TYR A 218 -16.97 -1.24 -1.18
N SER A 219 -16.86 -2.39 -1.84
CA SER A 219 -16.26 -2.46 -3.17
C SER A 219 -17.01 -1.64 -4.21
N ASN A 220 -18.30 -1.41 -4.01
CA ASN A 220 -19.06 -0.64 -4.98
C ASN A 220 -18.77 0.85 -4.89
N PHE A 221 -18.08 1.25 -3.82
CA PHE A 221 -17.66 2.63 -3.66
C PHE A 221 -16.30 2.93 -4.31
N VAL A 222 -15.75 1.95 -5.04
CA VAL A 222 -14.46 2.12 -5.71
C VAL A 222 -14.61 2.44 -7.20
N SER A 223 -14.00 3.54 -7.64
CA SER A 223 -14.17 4.08 -9.01
C SER A 223 -13.59 3.25 -10.15
N PHE A 224 -12.44 2.62 -9.93
CA PHE A 224 -11.85 1.79 -10.96
C PHE A 224 -12.10 0.32 -10.63
N PRO A 225 -11.97 -0.53 -11.65
CA PRO A 225 -12.15 -1.98 -11.56
C PRO A 225 -11.34 -2.55 -10.38
N LEU A 226 -12.01 -3.29 -9.51
CA LEU A 226 -11.38 -3.96 -8.36
C LEU A 226 -11.50 -5.48 -8.52
N TYR A 227 -10.38 -6.18 -8.40
CA TYR A 227 -10.36 -7.62 -8.60
C TYR A 227 -9.83 -8.35 -7.38
N LEU A 228 -10.33 -9.55 -7.14
CA LEU A 228 -9.81 -10.43 -6.12
C LEU A 228 -9.49 -11.76 -6.79
N ASN A 229 -8.21 -12.10 -6.83
CA ASN A 229 -7.76 -13.32 -7.50
C ASN A 229 -8.32 -13.42 -8.91
N GLY A 230 -8.30 -12.31 -9.63
CA GLY A 230 -8.69 -12.29 -11.02
C GLY A 230 -10.18 -12.09 -11.25
N ARG A 231 -10.96 -12.10 -10.17
CA ARG A 231 -12.42 -11.94 -10.26
C ARG A 231 -12.91 -10.54 -9.92
N ARG A 232 -13.68 -9.95 -10.83
CA ARG A 232 -14.21 -8.60 -10.62
C ARG A 232 -15.15 -8.51 -9.42
N MET A 233 -14.95 -7.47 -8.61
CA MET A 233 -15.69 -7.29 -7.36
C MET A 233 -16.70 -6.17 -7.46
N ASN A 234 -16.61 -5.39 -8.52
CA ASN A 234 -17.49 -4.24 -8.72
C ASN A 234 -17.78 -4.00 -10.20
#